data_2PWB
#
_entry.id   2PWB
#
_cell.length_a   68.300
_cell.length_b   68.300
_cell.length_c   108.384
_cell.angle_alpha   90.00
_cell.angle_beta   90.00
_cell.angle_gamma   90.00
#
_symmetry.space_group_name_H-M   'P 43 21 2'
#
loop_
_entity.id
_entity.type
_entity.pdbx_description
1 polymer 'Proteinase K'
2 non-polymer 'CALCIUM ION'
3 non-polymer 'NITRATE ION'
4 non-polymer COUMARIN
5 water water
#
_entity_poly.entity_id   1
_entity_poly.type   'polypeptide(L)'
_entity_poly.pdbx_seq_one_letter_code
;AAQTNAPWGLARISSTSPGTSTYYYDESAGQGSCVYVIDTGIEASHPEFEGRAQMVKTYYYSSRDGNGHGTHCAGTVGSR
TYGVAKKTQLFGVKVLDDNGSGQYSTIIAGMDFVASDKNNRNCPKGVVASLSLGGGYSSSVNSAAARLQSSGVMVAVAAG
NNNADARNYSPASEPSVCTVGASDRYDRRSSFSNYGSVLDIFGPGTDILSTWIGGSTRSISGTSMATPHVAGLAAYLMTL
GKTTAASACRYIADTANKGDLSNIPFGTVNLLAYNNYQA
;
_entity_poly.pdbx_strand_id   A
#
loop_
_chem_comp.id
_chem_comp.type
_chem_comp.name
_chem_comp.formula
CA non-polymer 'CALCIUM ION' 'Ca 2'
COU non-polymer COUMARIN 'C9 H6 O2'
NO3 non-polymer 'NITRATE ION' 'N O3 -1'
#
# COMPACT_ATOMS: atom_id res chain seq x y z
N ALA A 1 1.70 -21.96 -0.32
CA ALA A 1 0.22 -21.84 -0.07
C ALA A 1 -0.41 -21.31 -1.32
N ALA A 2 -1.70 -21.60 -1.51
CA ALA A 2 -2.40 -21.09 -2.67
C ALA A 2 -3.84 -20.74 -2.30
N GLN A 3 -4.23 -19.53 -2.65
CA GLN A 3 -5.61 -19.14 -2.48
C GLN A 3 -6.27 -19.21 -3.85
N THR A 4 -7.25 -20.11 -4.00
CA THR A 4 -7.96 -20.21 -5.29
C THR A 4 -9.07 -19.17 -5.40
N ASN A 5 -9.46 -18.80 -6.63
CA ASN A 5 -10.45 -17.77 -6.87
C ASN A 5 -10.17 -16.50 -6.05
N ALA A 6 -8.90 -16.09 -6.08
CA ALA A 6 -8.47 -14.90 -5.37
C ALA A 6 -8.90 -13.65 -6.15
N PRO A 7 -9.03 -12.51 -5.49
CA PRO A 7 -9.16 -11.25 -6.21
C PRO A 7 -8.05 -11.16 -7.28
N TRP A 8 -8.35 -10.58 -8.44
CA TRP A 8 -7.39 -10.57 -9.54
C TRP A 8 -6.03 -9.97 -9.18
N GLY A 9 -6.03 -8.94 -8.34
CA GLY A 9 -4.80 -8.25 -8.02
C GLY A 9 -3.82 -9.15 -7.27
N LEU A 10 -4.35 -9.97 -6.36
CA LEU A 10 -3.50 -10.93 -5.62
C LEU A 10 -2.93 -11.98 -6.60
N ALA A 11 -3.78 -12.54 -7.44
CA ALA A 11 -3.27 -13.46 -8.47
C ALA A 11 -2.18 -12.80 -9.32
N ARG A 12 -2.37 -11.53 -9.68
CA ARG A 12 -1.42 -10.85 -10.60
C ARG A 12 -0.04 -10.71 -10.01
N ILE A 13 0.03 -10.39 -8.73
CA ILE A 13 1.32 -10.20 -8.08
C ILE A 13 2.09 -11.50 -7.83
N SER A 14 1.43 -12.64 -8.03
CA SER A 14 2.13 -13.93 -7.94
C SER A 14 2.24 -14.66 -9.28
N SER A 15 2.07 -13.92 -10.38
CA SER A 15 2.17 -14.54 -11.69
C SER A 15 3.01 -13.69 -12.65
N THR A 16 3.63 -14.34 -13.64
CA THR A 16 4.35 -13.61 -14.67
C THR A 16 3.41 -13.23 -15.81
N SER A 17 2.17 -13.70 -15.80
CA SER A 17 1.19 -13.30 -16.84
C SER A 17 -0.17 -12.93 -16.27
N PRO A 18 -0.93 -12.08 -16.96
CA PRO A 18 -2.26 -11.71 -16.49
C PRO A 18 -3.26 -12.86 -16.76
N GLY A 19 -4.45 -12.79 -16.16
CA GLY A 19 -5.49 -13.77 -16.42
C GLY A 19 -5.60 -14.97 -15.50
N THR A 20 -4.70 -15.10 -14.55
CA THR A 20 -4.77 -16.24 -13.63
C THR A 20 -5.67 -15.89 -12.45
N SER A 21 -6.06 -16.89 -11.68
CA SER A 21 -7.00 -16.63 -10.58
C SER A 21 -6.52 -17.18 -9.25
N THR A 22 -5.31 -17.75 -9.21
CA THR A 22 -4.79 -18.26 -7.96
C THR A 22 -3.68 -17.37 -7.41
N TYR A 23 -3.74 -17.04 -6.12
CA TYR A 23 -2.68 -16.29 -5.48
C TYR A 23 -1.73 -17.29 -4.79
N TYR A 24 -0.49 -17.39 -5.25
CA TYR A 24 0.49 -18.27 -4.60
C TYR A 24 1.39 -17.43 -3.70
N TYR A 25 1.60 -17.91 -2.47
CA TYR A 25 2.41 -17.18 -1.51
C TYR A 25 3.00 -18.09 -0.47
N ASP A 26 4.10 -17.66 0.14
CA ASP A 26 4.69 -18.41 1.21
C ASP A 26 3.85 -18.29 2.48
N GLU A 27 3.64 -19.42 3.16
CA GLU A 27 2.82 -19.52 4.38
C GLU A 27 3.20 -18.53 5.49
N SER A 28 4.45 -18.09 5.53
CA SER A 28 4.88 -17.10 6.55
C SER A 28 3.98 -15.87 6.54
N ALA A 29 3.56 -15.48 5.33
CA ALA A 29 2.53 -14.47 5.11
C ALA A 29 2.69 -13.14 5.85
N GLY A 30 3.93 -12.66 5.97
CA GLY A 30 4.15 -11.40 6.65
C GLY A 30 4.08 -11.43 8.18
N GLN A 31 4.01 -12.62 8.77
CA GLN A 31 3.99 -12.73 10.22
C GLN A 31 5.24 -12.10 10.83
N GLY A 32 5.10 -11.33 11.91
CA GLY A 32 6.25 -10.67 12.51
C GLY A 32 6.56 -9.27 11.96
N SER A 33 5.92 -8.90 10.85
CA SER A 33 6.02 -7.53 10.33
C SER A 33 4.81 -6.70 10.80
N CYS A 34 4.92 -5.39 10.65
CA CYS A 34 3.84 -4.49 11.02
C CYS A 34 3.63 -3.46 9.93
N VAL A 35 2.38 -3.18 9.62
CA VAL A 35 2.12 -2.13 8.60
C VAL A 35 1.17 -1.10 9.19
N TYR A 36 1.60 0.15 9.12
CA TYR A 36 0.75 1.26 9.56
C TYR A 36 -0.02 1.75 8.35
N VAL A 37 -1.35 1.87 8.46
CA VAL A 37 -2.17 2.37 7.36
C VAL A 37 -2.59 3.75 7.82
N ILE A 38 -2.10 4.77 7.12
CA ILE A 38 -2.33 6.14 7.53
C ILE A 38 -3.42 6.66 6.62
N ASP A 39 -4.64 6.78 7.15
CA ASP A 39 -5.77 6.94 6.25
C ASP A 39 -6.99 7.39 7.04
N THR A 40 -8.19 6.92 6.69
CA THR A 40 -9.42 7.35 7.42
C THR A 40 -9.72 6.52 8.64
N GLY A 41 -8.80 5.59 8.96
CA GLY A 41 -8.96 4.65 10.03
C GLY A 41 -9.16 3.22 9.53
N ILE A 42 -9.41 2.29 10.43
CA ILE A 42 -9.64 0.89 10.07
C ILE A 42 -10.75 0.39 10.97
N GLU A 43 -11.74 -0.27 10.38
CA GLU A 43 -12.75 -0.95 11.19
C GLU A 43 -12.11 -2.25 11.75
N ALA A 44 -11.45 -2.12 12.90
CA ALA A 44 -10.63 -3.22 13.43
C ALA A 44 -11.42 -4.48 13.79
N SER A 45 -12.71 -4.30 14.00
CA SER A 45 -13.57 -5.43 14.34
C SER A 45 -14.04 -6.28 13.16
N HIS A 46 -13.72 -5.87 11.93
CA HIS A 46 -14.09 -6.65 10.75
C HIS A 46 -13.51 -8.06 10.90
N PRO A 47 -14.33 -9.09 10.77
CA PRO A 47 -13.85 -10.47 10.94
C PRO A 47 -12.67 -10.82 10.04
N GLU A 48 -12.54 -10.13 8.90
CA GLU A 48 -11.45 -10.41 7.96
C GLU A 48 -10.06 -10.05 8.50
N PHE A 49 -10.02 -9.25 9.58
CA PHE A 49 -8.72 -8.89 10.18
C PHE A 49 -8.31 -9.86 11.28
N GLU A 50 -9.25 -10.72 11.71
CA GLU A 50 -8.93 -11.78 12.67
C GLU A 50 -8.28 -11.27 13.95
N GLY A 51 -8.64 -10.07 14.37
CA GLY A 51 -8.02 -9.52 15.56
C GLY A 51 -6.62 -9.01 15.37
N ARG A 52 -6.11 -8.95 14.13
CA ARG A 52 -4.75 -8.47 13.86
C ARG A 52 -4.63 -6.95 13.56
N ALA A 53 -5.75 -6.26 13.63
CA ALA A 53 -5.74 -4.82 13.36
C ALA A 53 -6.09 -4.05 14.62
N GLN A 54 -5.47 -2.89 14.80
CA GLN A 54 -5.89 -2.02 15.89
C GLN A 54 -5.62 -0.55 15.57
N MET A 55 -6.46 0.34 16.09
CA MET A 55 -6.26 1.77 15.91
C MET A 55 -5.30 2.19 16.99
N VAL A 56 -4.29 2.99 16.62
CA VAL A 56 -3.33 3.49 17.59
C VAL A 56 -3.34 4.99 17.75
N LYS A 57 -3.93 5.73 16.82
CA LYS A 57 -3.94 7.18 16.93
C LYS A 57 -5.05 7.76 16.07
N THR A 58 -5.78 8.74 16.57
CA THR A 58 -6.69 9.51 15.71
C THR A 58 -6.46 11.00 15.89
N TYR A 59 -6.69 11.75 14.83
CA TYR A 59 -6.55 13.19 14.91
C TYR A 59 -7.92 13.85 14.89
N TYR A 60 -8.97 13.04 15.02
CA TYR A 60 -10.33 13.56 15.03
C TYR A 60 -11.07 13.12 16.28
N TYR A 61 -12.37 13.40 16.36
CA TYR A 61 -13.17 13.09 17.57
C TYR A 61 -13.23 11.62 17.91
N SER A 62 -13.20 10.77 16.87
CA SER A 62 -13.26 9.34 17.06
C SER A 62 -12.14 8.64 16.27
N SER A 63 -11.91 7.39 16.62
CA SER A 63 -10.90 6.61 15.93
C SER A 63 -11.58 5.71 14.89
N ARG A 64 -12.91 5.79 14.81
CA ARG A 64 -13.68 4.98 13.89
C ARG A 64 -13.49 5.41 12.43
N ASP A 65 -13.43 4.43 11.52
CA ASP A 65 -13.46 4.72 10.10
C ASP A 65 -14.94 4.92 9.71
N GLY A 66 -15.34 6.17 9.51
CA GLY A 66 -16.71 6.44 9.09
C GLY A 66 -16.77 6.55 7.58
N ASN A 67 -15.67 6.30 6.91
CA ASN A 67 -15.61 6.47 5.46
C ASN A 67 -15.58 5.15 4.70
N GLY A 68 -14.63 4.29 5.04
CA GLY A 68 -14.48 3.03 4.32
C GLY A 68 -13.12 2.93 3.60
N HIS A 69 -12.58 4.04 3.13
CA HIS A 69 -11.33 4.01 2.35
C HIS A 69 -10.17 3.35 3.11
N GLY A 70 -9.97 3.72 4.37
CA GLY A 70 -8.87 3.16 5.16
C GLY A 70 -9.06 1.67 5.42
N THR A 71 -10.29 1.26 5.67
CA THR A 71 -10.58 -0.14 5.89
C THR A 71 -10.28 -0.93 4.61
N HIS A 72 -10.64 -0.34 3.46
CA HIS A 72 -10.38 -1.01 2.18
C HIS A 72 -8.88 -1.23 1.97
N CYS A 73 -8.10 -0.16 2.12
CA CYS A 73 -6.64 -0.26 1.95
C CYS A 73 -6.02 -1.25 2.90
N ALA A 74 -6.42 -1.19 4.18
CA ALA A 74 -5.90 -2.13 5.16
C ALA A 74 -6.22 -3.55 4.73
N GLY A 75 -7.43 -3.75 4.20
CA GLY A 75 -7.84 -5.10 3.78
C GLY A 75 -6.90 -5.65 2.68
N THR A 76 -6.47 -4.78 1.78
CA THR A 76 -5.56 -5.20 0.72
C THR A 76 -4.15 -5.53 1.26
N VAL A 77 -3.76 -4.80 2.29
CA VAL A 77 -2.47 -5.11 2.94
C VAL A 77 -2.57 -6.48 3.61
N GLY A 78 -3.62 -6.69 4.41
CA GLY A 78 -3.53 -7.80 5.35
C GLY A 78 -4.77 -8.54 5.82
N SER A 79 -5.88 -8.41 5.12
CA SER A 79 -7.05 -9.21 5.51
C SER A 79 -6.82 -10.66 5.06
N ARG A 80 -7.56 -11.58 5.66
CA ARG A 80 -7.45 -13.01 5.31
C ARG A 80 -7.75 -13.26 3.84
N THR A 81 -8.92 -12.82 3.38
CA THR A 81 -9.31 -13.11 2.02
C THR A 81 -8.73 -12.17 0.98
N TYR A 82 -8.60 -10.89 1.32
CA TYR A 82 -8.26 -9.89 0.32
C TYR A 82 -6.87 -9.32 0.42
N GLY A 83 -6.06 -9.84 1.34
CA GLY A 83 -4.76 -9.26 1.64
C GLY A 83 -3.58 -9.98 1.08
N VAL A 84 -2.51 -9.20 0.83
CA VAL A 84 -1.27 -9.74 0.32
C VAL A 84 -0.52 -10.46 1.44
N ALA A 85 -0.43 -9.84 2.62
CA ALA A 85 0.35 -10.38 3.74
C ALA A 85 -0.64 -10.75 4.83
N LYS A 86 -1.13 -11.98 4.74
CA LYS A 86 -2.31 -12.41 5.51
C LYS A 86 -2.11 -12.58 7.02
N LYS A 87 -0.86 -12.55 7.48
CA LYS A 87 -0.59 -12.68 8.90
C LYS A 87 0.11 -11.45 9.48
N THR A 88 0.15 -10.34 8.73
CA THR A 88 0.84 -9.18 9.27
C THR A 88 -0.03 -8.51 10.37
N GLN A 89 0.57 -7.61 11.14
CA GLN A 89 -0.12 -6.82 12.13
C GLN A 89 -0.40 -5.46 11.52
N LEU A 90 -1.63 -4.97 11.68
CA LEU A 90 -2.03 -3.69 11.08
C LEU A 90 -2.28 -2.66 12.17
N PHE A 91 -1.76 -1.44 11.99
CA PHE A 91 -2.03 -0.36 12.92
C PHE A 91 -2.65 0.80 12.14
N GLY A 92 -3.75 1.33 12.63
CA GLY A 92 -4.42 2.41 11.93
C GLY A 92 -4.08 3.74 12.58
N VAL A 93 -3.83 4.72 11.71
CA VAL A 93 -3.60 6.07 12.13
C VAL A 93 -4.57 6.93 11.33
N LYS A 94 -5.51 7.57 12.02
CA LYS A 94 -6.56 8.33 11.32
C LYS A 94 -6.15 9.79 11.12
N VAL A 95 -5.64 10.11 9.94
CA VAL A 95 -5.29 11.48 9.63
C VAL A 95 -6.31 12.09 8.66
N LEU A 96 -7.19 11.25 8.10
CA LEU A 96 -8.23 11.76 7.20
C LEU A 96 -9.58 11.66 7.89
N ASP A 97 -10.41 12.66 7.65
CA ASP A 97 -11.72 12.71 8.25
C ASP A 97 -12.65 11.75 7.51
N ASP A 98 -13.90 11.67 7.95
CA ASP A 98 -14.84 10.70 7.36
C ASP A 98 -15.33 11.05 5.96
N ASN A 99 -14.95 12.24 5.48
CA ASN A 99 -15.18 12.60 4.09
C ASN A 99 -13.95 12.29 3.24
N GLY A 100 -12.89 11.79 3.89
CA GLY A 100 -11.66 11.40 3.21
C GLY A 100 -10.72 12.54 2.98
N SER A 101 -10.89 13.59 3.77
CA SER A 101 -10.13 14.81 3.63
C SER A 101 -9.24 15.03 4.82
N GLY A 102 -8.15 15.75 4.63
CA GLY A 102 -7.27 16.07 5.76
C GLY A 102 -6.33 17.22 5.42
N GLN A 103 -5.95 17.98 6.42
CA GLN A 103 -5.01 19.08 6.22
C GLN A 103 -3.60 18.53 6.24
N TYR A 104 -2.72 19.19 5.51
CA TYR A 104 -1.32 18.81 5.42
C TYR A 104 -0.63 18.75 6.79
N SER A 105 -0.97 19.68 7.68
CA SER A 105 -0.40 19.69 9.01
C SER A 105 -0.73 18.40 9.78
N THR A 106 -1.93 17.87 9.61
CA THR A 106 -2.34 16.66 10.29
C THR A 106 -1.64 15.41 9.68
N ILE A 107 -1.58 15.38 8.35
CA ILE A 107 -0.93 14.29 7.66
C ILE A 107 0.57 14.21 8.07
N ILE A 108 1.23 15.36 8.17
CA ILE A 108 2.62 15.39 8.61
C ILE A 108 2.75 14.88 10.06
N ALA A 109 1.87 15.36 10.93
CA ALA A 109 1.90 14.88 12.30
C ALA A 109 1.74 13.36 12.36
N GLY A 110 0.86 12.82 11.52
CA GLY A 110 0.63 11.38 11.46
C GLY A 110 1.87 10.61 11.04
N MET A 111 2.63 11.14 10.07
CA MET A 111 3.91 10.52 9.71
C MET A 111 4.95 10.56 10.84
N ASP A 112 5.15 11.73 11.43
CA ASP A 112 6.08 11.82 12.56
C ASP A 112 5.64 10.90 13.70
N PHE A 113 4.34 10.78 13.90
CA PHE A 113 3.83 9.88 14.94
C PHE A 113 4.32 8.44 14.73
N VAL A 114 4.16 7.92 13.51
CA VAL A 114 4.54 6.54 13.20
C VAL A 114 6.05 6.33 13.40
N ALA A 115 6.85 7.32 13.01
CA ALA A 115 8.30 7.22 13.14
C ALA A 115 8.69 6.97 14.60
N SER A 116 7.98 7.61 15.53
CA SER A 116 8.21 7.42 16.95
C SER A 116 7.51 6.17 17.50
N ASP A 117 6.24 6.00 17.15
CA ASP A 117 5.43 4.90 17.69
C ASP A 117 6.00 3.50 17.44
N LYS A 118 6.65 3.29 16.28
CA LYS A 118 7.20 2.01 15.93
C LYS A 118 8.23 1.52 16.94
N ASN A 119 8.85 2.47 17.65
CA ASN A 119 9.80 2.13 18.72
C ASN A 119 9.10 1.48 19.94
N ASN A 120 7.78 1.61 20.05
CA ASN A 120 7.03 1.03 21.16
C ASN A 120 6.40 -0.31 20.83
N ARG A 121 6.64 -0.83 19.63
CA ARG A 121 5.92 -2.01 19.15
C ARG A 121 6.85 -3.16 18.82
N ASN A 122 6.33 -4.37 18.94
CA ASN A 122 7.09 -5.57 18.67
C ASN A 122 6.91 -6.02 17.22
N CYS A 123 7.81 -5.56 16.36
CA CYS A 123 7.76 -5.84 14.91
C CYS A 123 9.12 -6.36 14.46
N PRO A 124 9.45 -7.58 14.84
CA PRO A 124 10.80 -8.10 14.62
C PRO A 124 11.26 -8.19 13.16
N LYS A 125 10.32 -8.32 12.24
CA LYS A 125 10.65 -8.47 10.82
C LYS A 125 10.62 -7.11 10.10
N GLY A 126 10.17 -6.07 10.79
CA GLY A 126 10.23 -4.76 10.19
C GLY A 126 8.91 -4.02 10.07
N VAL A 127 9.00 -2.77 9.64
CA VAL A 127 7.83 -1.90 9.67
C VAL A 127 7.61 -1.22 8.31
N VAL A 128 6.33 -1.16 7.90
CA VAL A 128 5.93 -0.57 6.63
C VAL A 128 4.86 0.49 6.92
N ALA A 129 4.81 1.57 6.12
CA ALA A 129 3.70 2.53 6.24
C ALA A 129 3.12 2.68 4.83
N SER A 130 1.79 2.62 4.74
CA SER A 130 1.07 2.70 3.47
C SER A 130 0.27 4.00 3.49
N LEU A 131 0.55 4.87 2.50
CA LEU A 131 -0.10 6.19 2.44
C LEU A 131 -0.87 6.31 1.16
N SER A 132 -2.17 5.96 1.19
CA SER A 132 -3.01 6.09 0.01
C SER A 132 -3.70 7.45 0.04
N LEU A 133 -2.89 8.51 -0.15
CA LEU A 133 -3.41 9.85 -0.08
C LEU A 133 -2.40 10.77 -0.77
N GLY A 134 -2.82 12.01 -1.00
CA GLY A 134 -1.90 12.99 -1.54
C GLY A 134 -2.66 14.23 -1.98
N GLY A 135 -1.92 15.24 -2.38
CA GLY A 135 -2.52 16.45 -2.90
C GLY A 135 -1.42 17.20 -3.66
N GLY A 136 -1.58 18.50 -3.85
CA GLY A 136 -0.63 19.28 -4.65
C GLY A 136 0.73 19.32 -3.97
N TYR A 137 1.75 19.67 -4.72
CA TYR A 137 3.08 19.64 -4.20
C TYR A 137 3.22 20.43 -2.91
N SER A 138 3.97 19.86 -1.97
CA SER A 138 4.33 20.53 -0.72
C SER A 138 5.69 20.03 -0.27
N SER A 139 6.66 20.91 -0.16
CA SER A 139 7.97 20.45 0.27
C SER A 139 7.93 19.92 1.72
N SER A 140 7.04 20.47 2.55
CA SER A 140 6.92 20.03 3.95
C SER A 140 6.33 18.63 4.04
N VAL A 141 5.38 18.31 3.16
CA VAL A 141 4.81 16.97 3.15
C VAL A 141 5.87 15.99 2.63
N ASN A 142 6.61 16.38 1.62
CA ASN A 142 7.67 15.50 1.12
C ASN A 142 8.70 15.23 2.20
N SER A 143 9.07 16.29 2.91
CA SER A 143 10.09 16.17 3.93
C SER A 143 9.62 15.20 5.03
N ALA A 144 8.35 15.24 5.36
CA ALA A 144 7.82 14.34 6.39
C ALA A 144 7.89 12.88 5.93
N ALA A 145 7.60 12.65 4.65
CA ALA A 145 7.71 11.30 4.12
C ALA A 145 9.15 10.81 4.10
N ALA A 146 10.06 11.70 3.75
CA ALA A 146 11.49 11.38 3.74
C ALA A 146 11.98 11.07 5.15
N ARG A 147 11.52 11.82 6.15
CA ARG A 147 11.89 11.48 7.53
C ARG A 147 11.37 10.12 7.95
N LEU A 148 10.11 9.82 7.62
CA LEU A 148 9.54 8.52 8.01
C LEU A 148 10.40 7.36 7.42
N GLN A 149 10.76 7.49 6.15
CA GLN A 149 11.57 6.50 5.46
C GLN A 149 12.96 6.38 6.14
N SER A 150 13.60 7.53 6.35
CA SER A 150 14.90 7.64 7.03
C SER A 150 14.91 6.97 8.42
N SER A 151 13.78 7.06 9.12
CA SER A 151 13.68 6.49 10.47
C SER A 151 13.69 4.95 10.49
N GLY A 152 13.57 4.34 9.31
CA GLY A 152 13.65 2.90 9.16
C GLY A 152 12.33 2.23 8.84
N VAL A 153 11.41 2.95 8.20
CA VAL A 153 10.10 2.38 7.88
C VAL A 153 10.04 2.35 6.37
N MET A 154 9.51 1.27 5.79
CA MET A 154 9.34 1.22 4.36
C MET A 154 8.07 2.02 3.99
N VAL A 155 8.28 3.16 3.32
CA VAL A 155 7.17 4.05 3.00
C VAL A 155 6.68 3.85 1.58
N ALA A 156 5.41 3.47 1.42
CA ALA A 156 4.82 3.33 0.08
C ALA A 156 3.73 4.39 -0.07
N VAL A 157 3.72 5.13 -1.18
CA VAL A 157 2.71 6.20 -1.34
C VAL A 157 2.05 6.14 -2.70
N ALA A 158 0.80 6.62 -2.77
CA ALA A 158 0.05 6.57 -4.03
C ALA A 158 0.61 7.61 -5.01
N ALA A 159 0.72 7.25 -6.29
CA ALA A 159 1.17 8.25 -7.28
C ALA A 159 0.14 9.36 -7.50
N GLY A 160 -1.14 9.06 -7.30
CA GLY A 160 -2.20 10.04 -7.52
C GLY A 160 -3.07 9.67 -8.73
N ASN A 161 -4.29 10.21 -8.78
CA ASN A 161 -5.23 9.79 -9.82
C ASN A 161 -5.60 10.90 -10.80
N ASN A 162 -4.63 11.67 -11.27
CA ASN A 162 -4.91 12.81 -12.14
C ASN A 162 -4.50 12.57 -13.60
N ASN A 163 -4.08 11.35 -13.93
CA ASN A 163 -3.56 11.09 -15.28
C ASN A 163 -2.54 12.20 -15.66
N ALA A 164 -1.62 12.48 -14.74
CA ALA A 164 -0.62 13.56 -14.87
C ALA A 164 0.76 13.13 -14.33
N ASP A 165 1.77 13.96 -14.55
CA ASP A 165 3.07 13.69 -14.00
C ASP A 165 2.99 13.86 -12.49
N ALA A 166 3.40 12.82 -11.76
CA ALA A 166 3.33 12.81 -10.31
C ALA A 166 4.30 13.81 -9.64
N ARG A 167 5.20 14.41 -10.43
CA ARG A 167 6.15 15.41 -9.91
C ARG A 167 5.43 16.60 -9.28
N ASN A 168 4.15 16.77 -9.58
CA ASN A 168 3.43 17.95 -9.09
C ASN A 168 2.53 17.61 -7.90
N TYR A 169 2.76 16.45 -7.31
CA TYR A 169 1.89 15.95 -6.21
C TYR A 169 2.74 15.45 -5.06
N SER A 170 2.19 15.55 -3.84
CA SER A 170 2.92 15.12 -2.63
C SER A 170 2.02 14.22 -1.76
N PRO A 171 2.59 13.21 -1.08
CA PRO A 171 4.02 12.90 -1.06
C PRO A 171 4.55 12.07 -2.24
N ALA A 172 3.76 11.88 -3.29
CA ALA A 172 4.21 11.09 -4.46
C ALA A 172 5.57 11.52 -5.05
N SER A 173 5.82 12.85 -5.04
CA SER A 173 7.03 13.39 -5.67
C SER A 173 8.29 13.31 -4.82
N GLU A 174 8.21 12.81 -3.59
CA GLU A 174 9.41 12.63 -2.75
C GLU A 174 10.20 11.41 -3.27
N PRO A 175 11.39 11.63 -3.81
CA PRO A 175 12.06 10.50 -4.45
C PRO A 175 12.44 9.38 -3.49
N SER A 176 12.69 9.68 -2.21
CA SER A 176 13.20 8.64 -1.32
C SER A 176 12.20 7.55 -0.92
N VAL A 177 10.91 7.78 -1.18
CA VAL A 177 9.89 6.80 -0.81
C VAL A 177 9.54 5.95 -2.03
N CYS A 178 8.60 5.02 -1.90
CA CYS A 178 8.24 4.13 -3.00
C CYS A 178 6.88 4.62 -3.54
N THR A 179 6.88 5.21 -4.74
CA THR A 179 5.71 5.82 -5.33
C THR A 179 5.09 4.80 -6.31
N VAL A 180 3.82 4.52 -6.08
CA VAL A 180 3.13 3.40 -6.72
C VAL A 180 2.04 3.84 -7.71
N GLY A 181 2.18 3.45 -8.97
CA GLY A 181 1.16 3.70 -9.98
C GLY A 181 0.18 2.52 -10.03
N ALA A 182 -0.90 2.67 -10.80
CA ALA A 182 -1.95 1.60 -10.83
C ALA A 182 -2.08 0.98 -12.22
N SER A 183 -2.36 -0.33 -12.25
CA SER A 183 -2.65 -1.03 -13.49
C SER A 183 -4.00 -1.75 -13.42
N ASP A 184 -4.52 -2.19 -14.56
CA ASP A 184 -5.78 -2.94 -14.58
C ASP A 184 -5.56 -4.40 -14.91
N ARG A 185 -6.64 -5.18 -14.92
CA ARG A 185 -6.46 -6.61 -15.07
C ARG A 185 -5.97 -7.07 -16.45
N TYR A 186 -5.97 -6.14 -17.41
CA TYR A 186 -5.47 -6.44 -18.75
C TYR A 186 -4.02 -5.96 -18.92
N ASP A 187 -3.37 -5.65 -17.80
CA ASP A 187 -2.01 -5.10 -17.82
C ASP A 187 -1.89 -3.76 -18.54
N ARG A 188 -2.93 -2.93 -18.44
CA ARG A 188 -2.81 -1.58 -18.99
C ARG A 188 -2.61 -0.66 -17.78
N ARG A 189 -1.85 0.42 -17.95
CA ARG A 189 -1.82 1.45 -16.93
C ARG A 189 -3.27 1.88 -16.70
N SER A 190 -3.69 2.03 -15.45
CA SER A 190 -5.06 2.44 -15.18
C SER A 190 -5.26 3.84 -15.78
N SER A 191 -6.45 4.08 -16.31
CA SER A 191 -6.68 5.32 -17.06
C SER A 191 -6.49 6.59 -16.24
N PHE A 192 -6.71 6.50 -14.93
CA PHE A 192 -6.53 7.61 -14.04
C PHE A 192 -5.13 7.72 -13.43
N SER A 193 -4.28 6.71 -13.61
CA SER A 193 -3.01 6.70 -12.90
C SER A 193 -2.03 7.78 -13.31
N ASN A 194 -1.46 8.48 -12.33
CA ASN A 194 -0.36 9.40 -12.60
C ASN A 194 0.81 8.59 -13.11
N TYR A 195 1.78 9.27 -13.71
CA TYR A 195 2.93 8.60 -14.27
C TYR A 195 4.10 9.54 -14.07
N GLY A 196 5.23 9.26 -14.72
CA GLY A 196 6.39 10.13 -14.62
C GLY A 196 7.61 9.44 -14.06
N SER A 197 8.73 10.14 -14.11
CA SER A 197 10.01 9.55 -13.71
C SER A 197 10.11 9.21 -12.21
N VAL A 198 9.28 9.84 -11.40
CA VAL A 198 9.29 9.62 -9.97
C VAL A 198 8.62 8.28 -9.57
N LEU A 199 7.84 7.69 -10.48
CA LEU A 199 7.23 6.40 -10.10
C LEU A 199 8.29 5.35 -9.93
N ASP A 200 8.11 4.47 -8.94
CA ASP A 200 9.07 3.39 -8.72
C ASP A 200 8.54 2.07 -9.23
N ILE A 201 7.21 1.91 -9.21
CA ILE A 201 6.62 0.60 -9.46
C ILE A 201 5.11 0.75 -9.69
N PHE A 202 4.51 -0.23 -10.36
CA PHE A 202 3.06 -0.31 -10.54
C PHE A 202 2.48 -1.51 -9.76
N GLY A 203 1.24 -1.36 -9.33
CA GLY A 203 0.51 -2.46 -8.73
C GLY A 203 -0.95 -2.42 -9.18
N PRO A 204 -1.69 -3.52 -8.96
CA PRO A 204 -3.10 -3.59 -9.33
C PRO A 204 -3.89 -2.50 -8.64
N GLY A 205 -4.63 -1.72 -9.45
CA GLY A 205 -5.39 -0.59 -8.90
C GLY A 205 -6.81 -0.41 -9.43
N THR A 206 -7.19 -1.14 -10.48
CA THR A 206 -8.54 -1.01 -11.06
C THR A 206 -9.43 -2.16 -10.64
N ASP A 207 -10.58 -1.85 -10.07
CA ASP A 207 -11.55 -2.87 -9.66
C ASP A 207 -11.01 -3.85 -8.62
N ILE A 208 -10.63 -3.31 -7.47
CA ILE A 208 -10.01 -4.07 -6.40
C ILE A 208 -11.02 -4.35 -5.30
N LEU A 209 -11.27 -5.63 -5.06
CA LEU A 209 -12.23 -6.04 -4.06
C LEU A 209 -11.51 -6.14 -2.72
N SER A 210 -12.11 -5.55 -1.70
CA SER A 210 -11.49 -5.58 -0.37
C SER A 210 -12.54 -5.31 0.70
N THR A 211 -12.11 -5.28 1.96
CA THR A 211 -13.01 -5.00 3.06
C THR A 211 -13.59 -3.59 3.05
N TRP A 212 -14.76 -3.44 3.65
CA TRP A 212 -15.42 -2.13 3.78
C TRP A 212 -16.08 -2.05 5.15
N ILE A 213 -16.48 -0.83 5.54
CA ILE A 213 -17.10 -0.65 6.83
C ILE A 213 -18.47 -1.37 6.92
N GLY A 214 -18.92 -1.58 8.16
CA GLY A 214 -20.13 -2.35 8.37
C GLY A 214 -19.94 -3.83 8.13
N GLY A 215 -18.69 -4.30 8.23
CA GLY A 215 -18.38 -5.71 8.05
C GLY A 215 -18.65 -6.19 6.63
N SER A 216 -18.50 -5.29 5.65
CA SER A 216 -18.87 -5.62 4.28
C SER A 216 -17.63 -5.66 3.36
N THR A 217 -17.86 -5.72 2.04
CA THR A 217 -16.76 -5.70 1.07
C THR A 217 -17.22 -4.85 -0.10
N ARG A 218 -16.29 -4.29 -0.86
CA ARG A 218 -16.67 -3.62 -2.11
C ARG A 218 -15.47 -3.45 -3.00
N SER A 219 -15.72 -3.25 -4.29
CA SER A 219 -14.65 -3.09 -5.26
C SER A 219 -14.55 -1.62 -5.66
N ILE A 220 -13.36 -1.04 -5.57
CA ILE A 220 -13.16 0.36 -5.96
C ILE A 220 -11.81 0.46 -6.68
N SER A 221 -11.55 1.62 -7.27
CA SER A 221 -10.34 1.76 -8.09
C SER A 221 -9.55 3.00 -7.70
N GLY A 222 -8.24 2.95 -7.84
CA GLY A 222 -7.40 4.12 -7.58
C GLY A 222 -5.97 3.73 -7.32
N THR A 223 -5.04 4.72 -7.37
CA THR A 223 -3.65 4.43 -6.99
C THR A 223 -3.69 4.13 -5.49
N SER A 224 -4.76 4.51 -4.85
CA SER A 224 -4.92 4.19 -3.43
C SER A 224 -5.00 2.71 -3.21
N MET A 225 -5.53 1.97 -4.20
CA MET A 225 -5.65 0.51 -4.11
C MET A 225 -4.36 -0.19 -4.48
N ALA A 226 -3.58 0.43 -5.35
CA ALA A 226 -2.30 -0.19 -5.76
C ALA A 226 -1.26 -0.12 -4.63
N THR A 227 -1.25 1.01 -3.93
CA THR A 227 -0.28 1.25 -2.85
C THR A 227 -0.24 0.13 -1.77
N PRO A 228 -1.38 -0.28 -1.18
CA PRO A 228 -1.37 -1.39 -0.22
C PRO A 228 -0.92 -2.72 -0.81
N HIS A 229 -1.04 -2.94 -2.12
CA HIS A 229 -0.49 -4.17 -2.70
C HIS A 229 1.01 -4.16 -2.51
N VAL A 230 1.64 -3.01 -2.81
CA VAL A 230 3.09 -2.88 -2.65
C VAL A 230 3.50 -2.87 -1.18
N ALA A 231 2.75 -2.17 -0.34
CA ALA A 231 3.04 -2.20 1.12
C ALA A 231 2.95 -3.62 1.71
N GLY A 232 1.90 -4.35 1.36
CA GLY A 232 1.80 -5.75 1.80
C GLY A 232 2.93 -6.59 1.23
N LEU A 233 3.26 -6.41 -0.04
CA LEU A 233 4.36 -7.20 -0.61
C LEU A 233 5.70 -6.95 0.12
N ALA A 234 5.95 -5.69 0.45
CA ALA A 234 7.15 -5.36 1.21
C ALA A 234 7.15 -6.11 2.56
N ALA A 235 6.04 -6.05 3.27
CA ALA A 235 5.95 -6.72 4.57
C ALA A 235 6.24 -8.22 4.40
N TYR A 236 5.64 -8.81 3.38
CA TYR A 236 5.83 -10.21 3.04
C TYR A 236 7.32 -10.55 2.75
N LEU A 237 7.98 -9.68 1.99
CA LEU A 237 9.40 -9.91 1.67
C LEU A 237 10.36 -9.72 2.84
N MET A 238 10.03 -8.78 3.73
CA MET A 238 10.87 -8.53 4.92
C MET A 238 10.77 -9.71 5.85
N THR A 239 9.57 -10.27 5.99
CA THR A 239 9.38 -11.43 6.82
C THR A 239 10.20 -12.62 6.31
N LEU A 240 10.24 -12.78 4.98
CA LEU A 240 11.05 -13.82 4.37
C LEU A 240 12.56 -13.55 4.45
N GLY A 241 12.94 -12.33 4.79
CA GLY A 241 14.35 -11.99 4.94
C GLY A 241 15.04 -11.60 3.65
N LYS A 242 14.26 -11.35 2.60
CA LYS A 242 14.81 -11.05 1.31
C LYS A 242 15.29 -9.60 1.18
N THR A 243 14.77 -8.72 2.03
CA THR A 243 15.13 -7.31 1.90
C THR A 243 14.87 -6.63 3.22
N THR A 244 15.22 -5.35 3.33
CA THR A 244 15.01 -4.58 4.57
C THR A 244 14.17 -3.38 4.20
N ALA A 245 13.79 -2.59 5.22
CA ALA A 245 12.97 -1.41 4.98
C ALA A 245 13.64 -0.42 4.08
N ALA A 246 14.96 -0.26 4.28
CA ALA A 246 15.69 0.72 3.50
C ALA A 246 15.80 0.35 2.04
N SER A 247 15.76 -0.93 1.72
CA SER A 247 16.00 -1.33 0.34
C SER A 247 14.83 -2.04 -0.34
N ALA A 248 13.69 -2.14 0.33
CA ALA A 248 12.59 -2.93 -0.21
C ALA A 248 12.07 -2.39 -1.53
N CYS A 249 11.92 -1.08 -1.65
CA CYS A 249 11.41 -0.50 -2.90
C CYS A 249 12.29 -0.91 -4.10
N ARG A 250 13.59 -0.74 -3.94
CA ARG A 250 14.56 -1.11 -4.96
C ARG A 250 14.50 -2.63 -5.24
N TYR A 251 14.39 -3.45 -4.20
CA TYR A 251 14.31 -4.89 -4.37
C TYR A 251 13.04 -5.27 -5.16
N ILE A 252 11.91 -4.65 -4.79
CA ILE A 252 10.67 -4.88 -5.53
C ILE A 252 10.81 -4.50 -7.00
N ALA A 253 11.46 -3.36 -7.28
CA ALA A 253 11.63 -2.93 -8.67
C ALA A 253 12.57 -3.87 -9.41
N ASP A 254 13.62 -4.31 -8.71
CA ASP A 254 14.62 -5.25 -9.28
C ASP A 254 14.02 -6.60 -9.69
N THR A 255 13.04 -7.07 -8.92
CA THR A 255 12.48 -8.40 -9.12
C THR A 255 11.09 -8.37 -9.76
N ALA A 256 10.70 -7.19 -10.23
CA ALA A 256 9.39 -6.98 -10.83
C ALA A 256 9.22 -7.68 -12.17
N ASN A 257 7.96 -7.84 -12.60
CA ASN A 257 7.73 -8.18 -14.00
C ASN A 257 8.06 -6.93 -14.83
N LYS A 258 8.94 -7.08 -15.82
CA LYS A 258 9.39 -5.94 -16.62
C LYS A 258 8.82 -5.91 -18.04
N GLY A 259 8.33 -4.75 -18.49
CA GLY A 259 7.83 -4.61 -19.84
C GLY A 259 6.45 -5.18 -20.19
N ASP A 260 5.71 -5.68 -19.19
CA ASP A 260 4.38 -6.28 -19.40
C ASP A 260 3.24 -5.29 -19.57
N LEU A 261 3.42 -4.05 -19.10
CA LEU A 261 2.34 -3.08 -19.12
C LEU A 261 2.24 -2.31 -20.43
N SER A 262 1.01 -1.95 -20.81
CA SER A 262 0.83 -1.13 -21.98
C SER A 262 0.36 0.26 -21.51
N ASN A 263 0.40 1.20 -22.44
CA ASN A 263 0.09 2.62 -22.21
C ASN A 263 0.95 3.31 -21.12
N ILE A 264 2.22 2.95 -21.10
CA ILE A 264 3.18 3.57 -20.20
C ILE A 264 3.91 4.60 -21.04
N PRO A 265 3.87 5.87 -20.64
CA PRO A 265 4.52 6.95 -21.41
C PRO A 265 6.02 6.85 -21.30
N PHE A 266 6.72 7.24 -22.36
CA PHE A 266 8.18 7.20 -22.33
C PHE A 266 8.68 7.94 -21.11
N GLY A 267 9.62 7.35 -20.39
CA GLY A 267 10.18 7.98 -19.20
C GLY A 267 9.62 7.44 -17.88
N THR A 268 8.58 6.64 -17.99
CA THR A 268 7.96 6.06 -16.81
C THR A 268 8.37 4.60 -16.78
N VAL A 269 8.69 4.06 -15.60
CA VAL A 269 9.11 2.66 -15.50
C VAL A 269 8.01 1.72 -15.94
N ASN A 270 8.37 0.60 -16.57
CA ASN A 270 7.42 -0.43 -16.95
C ASN A 270 7.75 -1.62 -16.05
N LEU A 271 7.27 -1.55 -14.80
CA LEU A 271 7.59 -2.57 -13.80
C LEU A 271 6.36 -2.84 -12.96
N LEU A 272 6.04 -4.11 -12.77
CA LEU A 272 4.81 -4.52 -12.07
C LEU A 272 5.20 -5.40 -10.92
N ALA A 273 4.71 -5.06 -9.73
CA ALA A 273 5.08 -5.76 -8.50
C ALA A 273 4.85 -7.27 -8.63
N TYR A 274 5.82 -8.07 -8.18
CA TYR A 274 5.76 -9.53 -8.40
C TYR A 274 6.46 -10.22 -7.23
N ASN A 275 5.84 -11.25 -6.64
CA ASN A 275 6.42 -11.89 -5.44
C ASN A 275 7.46 -12.98 -5.71
N ASN A 276 7.65 -13.35 -6.99
CA ASN A 276 8.63 -14.39 -7.35
C ASN A 276 8.45 -15.70 -6.57
N TYR A 277 7.21 -16.08 -6.28
CA TYR A 277 7.01 -17.27 -5.46
C TYR A 277 7.23 -18.51 -6.30
N GLN A 278 7.95 -19.47 -5.73
CA GLN A 278 8.17 -20.75 -6.39
C GLN A 278 7.94 -21.82 -5.32
N ALA A 279 6.97 -22.69 -5.54
CA ALA A 279 6.65 -23.75 -4.56
C ALA A 279 7.77 -24.80 -4.42
CA CA B . 11.30 6.55 -5.16
CA CA C . 5.10 -11.26 -18.22
N NO3 D . -14.31 12.97 11.23
O1 NO3 D . -14.51 13.76 12.38
O2 NO3 D . -14.90 13.34 10.02
O3 NO3 D . -13.53 11.81 11.29
C1 COU E . -8.48 8.37 -2.95
C2 COU E . -9.29 9.62 -2.89
C3 COU E . -8.50 10.91 -3.13
C4 COU E . -7.01 10.78 -3.38
C5 COU E . -6.32 11.93 -3.60
C6 COU E . -4.95 11.90 -3.84
C7 COU E . -4.29 10.67 -3.86
C8 COU E . -5.03 9.52 -3.63
C9 COU E . -6.38 9.60 -3.40
O1 COU E . -9.08 7.19 -2.79
O2 COU E . -7.05 8.35 -3.17
#